data_4TMU
#
_entry.id   4TMU
#
_cell.length_a   78.348
_cell.length_b   93.959
_cell.length_c   100.160
_cell.angle_alpha   90.00
_cell.angle_beta   90.00
_cell.angle_gamma   90.00
#
_symmetry.space_group_name_H-M   'P 21 21 2'
#
loop_
_entity.id
_entity.type
_entity.pdbx_description
1 polymer RecQ
2 polymer 'DNA (29-MER)'
3 non-polymer 'ZINC ION'
4 water water
#
loop_
_entity_poly.entity_id
_entity_poly.type
_entity_poly.pdbx_seq_one_letter_code
_entity_poly.pdbx_strand_id
1 'polypeptide(L)'
;MGSSHHHHHHSSGLVPRGSHMAQAEVYSQETLAKQVLQETFGYQQFRPGQATIIDAVLEGRDCLVVMPTGGGKSLCYQIP
ALVKTGLTIVVSPLISLMKDQVDQLLANGVAAACLNSTQSREEQQAVLAGCRTGQVRLLYIAPERLMMDNFIDTLGYWDL
AMVAVDEAHCISQWGHDFRPEYAALGQLRARFPAVPFMALTATADDTTRRDIVRLLGLDDPLIEISSFDRPNIRYMLMEK
FKPLDQLMRYVQEQRGKSGIIYCNSRAKVEDTAARLQSRGISAAAYHAGLEHEVRASVQEKFQRDDLQIVVATVAFGMGI
NKPNVRFVVHFDIPRNIESYYQETGRAGRDGLPAEAMLFYDPADMAWLRRCLEEKAPGPLQDIERHKLNAMGAFAEAQTC
RRLVLLNYFGEGRQAPCGNCDICLDPPRRYDGLVDAQKALSAIARVEQRFGMGYVVEVLRGANNQRIRELGHDKLKVYGI
GRDQSQEHWVSVIRQLIHLGVVTQNIAQHSALQLTEAARPFLRGEAPLMLAVPRVAALKPR
;
A
2 'polydeoxyribonucleotide'
;(DC)(DG)(DG)(DT)(DA)(DG)(DA)(DA)(DT)(DT)(DG)(DT)(DA)(DA)(DA)(DA)(DT)(DT)(DC)(DT)
(DA)(DC)(DC)(DG)(DG)(DT)(DG)(DC)(DC)(DT)(DT)(DA)(DC)(DT)
;
B
#
# COMPACT_ATOMS: atom_id res chain seq x y z
N ALA A 24 4.07 -22.58 36.12
CA ALA A 24 3.30 -23.86 36.21
C ALA A 24 2.13 -23.94 35.20
N GLU A 25 1.07 -23.16 35.42
CA GLU A 25 -0.13 -23.18 34.57
C GLU A 25 0.15 -22.71 33.13
N VAL A 26 1.10 -21.77 32.99
CA VAL A 26 1.44 -21.14 31.70
C VAL A 26 2.38 -21.99 30.82
N TYR A 27 3.23 -22.80 31.44
CA TYR A 27 4.12 -23.71 30.72
C TYR A 27 3.39 -24.98 30.27
N SER A 28 2.38 -25.39 31.03
CA SER A 28 1.52 -26.50 30.66
C SER A 28 0.76 -26.19 29.37
N GLN A 29 0.22 -24.97 29.31
CA GLN A 29 -0.36 -24.41 28.08
C GLN A 29 0.61 -24.44 26.90
N GLU A 30 1.82 -23.92 27.12
CA GLU A 30 2.83 -23.83 26.08
C GLU A 30 3.23 -25.22 25.64
N THR A 31 3.25 -26.16 26.58
CA THR A 31 3.57 -27.54 26.24
C THR A 31 2.52 -28.07 25.27
N LEU A 32 1.24 -27.83 25.55
CA LEU A 32 0.16 -28.26 24.66
C LEU A 32 0.26 -27.60 23.29
N ALA A 33 0.60 -26.33 23.26
CA ALA A 33 0.80 -25.59 22.01
C ALA A 33 1.93 -26.17 21.18
N LYS A 34 3.03 -26.50 21.85
CA LYS A 34 4.18 -27.08 21.20
C LYS A 34 3.83 -28.39 20.52
N GLN A 35 3.00 -29.18 21.19
CA GLN A 35 2.62 -30.46 20.63
C GLN A 35 1.78 -30.24 19.37
N VAL A 36 0.90 -29.22 19.40
CA VAL A 36 0.15 -28.85 18.20
C VAL A 36 1.08 -28.37 17.09
N LEU A 37 2.01 -27.49 17.43
CA LEU A 37 3.03 -27.05 16.49
C LEU A 37 3.70 -28.25 15.77
N GLN A 38 4.04 -29.27 16.55
CA GLN A 38 4.66 -30.50 16.04
C GLN A 38 3.68 -31.44 15.33
N GLU A 39 2.61 -31.82 16.02
CA GLU A 39 1.71 -32.88 15.56
C GLU A 39 0.92 -32.51 14.32
N THR A 40 0.40 -31.28 14.24
CA THR A 40 -0.43 -30.90 13.09
C THR A 40 0.29 -30.09 12.03
N PHE A 41 1.19 -29.21 12.41
CA PHE A 41 1.90 -28.33 11.45
C PHE A 41 3.28 -28.86 11.07
N GLY A 42 3.77 -29.84 11.81
CA GLY A 42 5.01 -30.51 11.47
C GLY A 42 6.26 -29.68 11.71
N TYR A 43 6.20 -28.71 12.61
CA TYR A 43 7.38 -27.89 12.93
C TYR A 43 7.98 -28.34 14.24
N GLN A 44 9.19 -27.89 14.52
CA GLN A 44 9.95 -28.43 15.64
C GLN A 44 9.89 -27.54 16.87
N GLN A 45 10.22 -26.27 16.68
CA GLN A 45 10.40 -25.36 17.81
C GLN A 45 9.73 -24.06 17.50
N PHE A 46 9.20 -23.38 18.53
CA PHE A 46 8.69 -22.02 18.36
C PHE A 46 9.87 -21.12 18.09
N ARG A 47 9.67 -20.15 17.20
CA ARG A 47 10.66 -19.11 16.92
C ARG A 47 10.47 -18.01 17.97
N PRO A 48 11.47 -17.12 18.12
CA PRO A 48 11.34 -15.95 19.02
C PRO A 48 10.04 -15.15 18.85
N GLY A 49 9.34 -14.92 19.96
CA GLY A 49 8.10 -14.14 19.93
C GLY A 49 6.81 -14.94 19.82
N GLN A 50 6.87 -16.13 19.20
CA GLN A 50 5.67 -16.90 18.93
C GLN A 50 5.05 -17.41 20.19
N ALA A 51 5.89 -17.93 21.08
CA ALA A 51 5.35 -18.52 22.30
C ALA A 51 4.70 -17.46 23.17
N THR A 52 5.25 -16.27 23.15
CA THR A 52 4.72 -15.20 23.99
C THR A 52 3.29 -14.80 23.57
N ILE A 53 3.06 -14.65 22.27
CA ILE A 53 1.72 -14.30 21.79
C ILE A 53 0.77 -15.45 22.10
N ILE A 54 1.21 -16.66 21.79
CA ILE A 54 0.38 -17.81 21.95
C ILE A 54 0.01 -18.03 23.43
N ASP A 55 0.99 -17.86 24.31
CA ASP A 55 0.73 -17.94 25.74
C ASP A 55 -0.25 -16.87 26.21
N ALA A 56 -0.10 -15.63 25.74
CA ALA A 56 -1.01 -14.55 26.17
C ALA A 56 -2.46 -14.86 25.85
N VAL A 57 -2.68 -15.40 24.65
CA VAL A 57 -4.00 -15.78 24.15
C VAL A 57 -4.56 -16.95 24.95
N LEU A 58 -3.74 -17.96 25.20
CA LEU A 58 -4.12 -19.08 26.05
C LEU A 58 -4.43 -18.62 27.48
N GLU A 59 -3.74 -17.59 27.95
CA GLU A 59 -4.00 -17.04 29.28
C GLU A 59 -5.19 -16.11 29.31
N GLY A 60 -5.84 -15.92 28.15
CA GLY A 60 -7.13 -15.19 28.08
C GLY A 60 -7.02 -13.72 27.73
N ARG A 61 -5.83 -13.30 27.30
CA ARG A 61 -5.59 -11.90 26.98
C ARG A 61 -5.75 -11.56 25.50
N ASP A 62 -6.24 -10.35 25.24
CA ASP A 62 -6.37 -9.82 23.89
C ASP A 62 -4.98 -9.54 23.30
N CYS A 63 -4.84 -9.72 21.99
CA CYS A 63 -3.56 -9.53 21.31
C CYS A 63 -3.70 -8.78 20.03
N LEU A 64 -2.68 -7.96 19.76
CA LEU A 64 -2.50 -7.29 18.50
C LEU A 64 -1.11 -7.66 18.01
N VAL A 65 -1.07 -8.34 16.85
CA VAL A 65 0.16 -8.87 16.25
C VAL A 65 0.34 -8.17 14.91
N VAL A 66 1.49 -7.53 14.77
CA VAL A 66 1.88 -6.80 13.59
C VAL A 66 3.15 -7.51 13.15
N MET A 67 3.04 -8.32 12.10
CA MET A 67 4.15 -9.12 11.56
C MET A 67 4.32 -8.80 10.10
N PRO A 68 5.04 -7.69 9.79
CA PRO A 68 5.25 -7.34 8.39
C PRO A 68 6.15 -8.32 7.62
N THR A 69 6.90 -9.14 8.34
CA THR A 69 7.93 -10.02 7.77
C THR A 69 7.37 -11.24 7.03
N GLY A 70 6.85 -12.19 7.81
CA GLY A 70 6.44 -13.50 7.31
C GLY A 70 6.60 -14.57 8.38
N GLY A 71 6.18 -15.79 8.10
CA GLY A 71 5.34 -16.13 6.93
C GLY A 71 4.19 -17.03 7.36
N GLY A 72 4.08 -17.24 8.68
CA GLY A 72 3.00 -18.02 9.26
C GLY A 72 2.45 -17.30 10.46
N LYS A 73 1.96 -16.08 10.28
CA LYS A 73 1.32 -15.40 11.38
C LYS A 73 -0.08 -15.98 11.65
N SER A 74 -0.63 -16.69 10.68
CA SER A 74 -1.84 -17.46 10.93
C SER A 74 -1.68 -18.44 12.10
N LEU A 75 -0.49 -18.99 12.26
CA LEU A 75 -0.23 -19.87 13.38
C LEU A 75 -0.49 -19.23 14.72
N CYS A 76 -0.34 -17.91 14.81
CA CYS A 76 -0.52 -17.20 16.07
C CYS A 76 -1.92 -17.40 16.61
N TYR A 77 -2.92 -17.59 15.71
CA TYR A 77 -4.24 -17.94 16.18
C TYR A 77 -4.60 -19.39 15.95
N GLN A 78 -4.06 -20.05 14.93
CA GLN A 78 -4.51 -21.42 14.65
C GLN A 78 -4.09 -22.41 15.72
N ILE A 79 -2.88 -22.22 16.24
CA ILE A 79 -2.38 -23.09 17.28
C ILE A 79 -3.19 -22.98 18.58
N PRO A 80 -3.45 -21.79 19.05
CA PRO A 80 -4.25 -21.73 20.27
C PRO A 80 -5.71 -22.12 20.04
N ALA A 81 -6.20 -21.97 18.81
CA ALA A 81 -7.51 -22.46 18.46
C ALA A 81 -7.58 -23.99 18.54
N LEU A 82 -6.44 -24.65 18.30
CA LEU A 82 -6.40 -26.10 18.43
C LEU A 82 -6.09 -26.60 19.84
N VAL A 83 -5.60 -25.74 20.72
CA VAL A 83 -5.45 -26.10 22.14
C VAL A 83 -6.73 -25.82 22.91
N LYS A 84 -7.35 -24.68 22.67
CA LYS A 84 -8.59 -24.31 23.38
C LYS A 84 -9.72 -25.23 22.99
N THR A 85 -10.72 -25.36 23.87
CA THR A 85 -11.90 -26.11 23.54
C THR A 85 -12.91 -25.09 23.12
N GLY A 86 -13.64 -25.40 22.06
CA GLY A 86 -14.60 -24.44 21.57
C GLY A 86 -14.21 -23.97 20.19
N LEU A 87 -15.03 -23.08 19.66
CA LEU A 87 -14.90 -22.64 18.31
C LEU A 87 -14.11 -21.34 18.26
N THR A 88 -13.18 -21.25 17.31
CA THR A 88 -12.54 -20.00 16.97
C THR A 88 -13.19 -19.43 15.71
N ILE A 89 -13.60 -18.18 15.78
CA ILE A 89 -14.11 -17.51 14.61
C ILE A 89 -13.00 -16.67 14.03
N VAL A 90 -12.77 -16.80 12.73
CA VAL A 90 -11.75 -16.01 12.06
C VAL A 90 -12.39 -15.10 11.04
N VAL A 91 -12.24 -13.80 11.22
CA VAL A 91 -12.84 -12.84 10.33
C VAL A 91 -11.86 -12.57 9.22
N SER A 92 -12.33 -12.69 7.98
CA SER A 92 -11.49 -12.49 6.79
C SER A 92 -12.17 -11.60 5.79
N PRO A 93 -11.38 -10.79 5.09
CA PRO A 93 -11.87 -9.82 4.16
C PRO A 93 -12.19 -10.38 2.81
N LEU A 94 -11.83 -11.63 2.55
CA LEU A 94 -11.90 -12.09 1.17
C LEU A 94 -12.32 -13.52 1.12
N ILE A 95 -13.31 -13.85 0.30
CA ILE A 95 -13.68 -15.24 0.05
C ILE A 95 -12.49 -16.07 -0.37
N SER A 96 -11.66 -15.52 -1.25
CA SER A 96 -10.51 -16.29 -1.74
C SER A 96 -9.44 -16.56 -0.67
N LEU A 97 -9.30 -15.66 0.27
CA LEU A 97 -8.48 -15.91 1.46
C LEU A 97 -9.10 -17.01 2.34
N MET A 98 -10.38 -16.90 2.64
CA MET A 98 -11.09 -17.92 3.39
C MET A 98 -10.81 -19.32 2.82
N LYS A 99 -10.97 -19.46 1.53
CA LYS A 99 -10.77 -20.72 0.85
C LYS A 99 -9.31 -21.20 0.92
N ASP A 100 -8.35 -20.32 0.69
CA ASP A 100 -6.95 -20.75 0.78
C ASP A 100 -6.61 -21.28 2.16
N GLN A 101 -7.11 -20.65 3.21
CA GLN A 101 -6.74 -21.02 4.55
C GLN A 101 -7.48 -22.21 5.05
N VAL A 102 -8.76 -22.35 4.67
CA VAL A 102 -9.54 -23.49 5.05
C VAL A 102 -8.96 -24.72 4.36
N ASP A 103 -8.63 -24.59 3.09
CA ASP A 103 -8.03 -25.72 2.38
C ASP A 103 -6.71 -26.20 3.01
N GLN A 104 -5.79 -25.28 3.35
CA GLN A 104 -4.56 -25.65 4.03
C GLN A 104 -4.83 -26.33 5.38
N LEU A 105 -5.79 -25.82 6.15
CA LEU A 105 -6.07 -26.44 7.42
C LEU A 105 -6.62 -27.86 7.19
N LEU A 106 -7.49 -28.03 6.18
CA LEU A 106 -8.04 -29.34 5.82
C LEU A 106 -6.93 -30.30 5.42
N ALA A 107 -5.93 -29.82 4.68
CA ALA A 107 -4.75 -30.62 4.33
C ALA A 107 -4.00 -31.13 5.57
N ASN A 108 -3.95 -30.34 6.64
CA ASN A 108 -3.35 -30.77 7.92
C ASN A 108 -4.32 -31.48 8.84
N GLY A 109 -5.47 -31.85 8.34
CA GLY A 109 -6.43 -32.59 9.14
C GLY A 109 -7.18 -31.84 10.21
N VAL A 110 -7.23 -30.51 10.13
CA VAL A 110 -7.97 -29.67 11.09
C VAL A 110 -9.42 -29.40 10.63
N ALA A 111 -10.36 -29.44 11.56
CA ALA A 111 -11.75 -29.22 11.22
C ALA A 111 -12.01 -27.73 11.00
N ALA A 112 -11.76 -27.28 9.79
CA ALA A 112 -11.98 -25.89 9.44
C ALA A 112 -13.13 -25.79 8.48
N ALA A 113 -13.78 -24.63 8.48
CA ALA A 113 -14.82 -24.38 7.55
C ALA A 113 -15.01 -22.88 7.37
N CYS A 114 -15.83 -22.53 6.39
CA CYS A 114 -16.18 -21.18 6.16
C CYS A 114 -17.63 -21.01 5.75
N LEU A 115 -18.07 -19.75 5.75
CA LEU A 115 -19.39 -19.35 5.32
C LEU A 115 -19.24 -18.19 4.37
N ASN A 116 -19.88 -18.30 3.22
CA ASN A 116 -19.98 -17.21 2.30
C ASN A 116 -21.06 -17.46 1.28
N SER A 117 -21.30 -16.45 0.44
CA SER A 117 -22.47 -16.41 -0.42
C SER A 117 -22.38 -17.30 -1.63
N THR A 118 -21.25 -17.94 -1.87
CA THR A 118 -21.17 -18.88 -2.99
C THR A 118 -21.47 -20.30 -2.59
N GLN A 119 -21.70 -20.51 -1.31
CA GLN A 119 -22.24 -21.78 -0.85
C GLN A 119 -23.74 -21.87 -1.09
N SER A 120 -24.20 -23.07 -1.41
CA SER A 120 -25.63 -23.36 -1.40
C SER A 120 -26.13 -23.24 0.02
N ARG A 121 -27.43 -23.03 0.18
CA ARG A 121 -28.01 -23.00 1.51
C ARG A 121 -27.83 -24.29 2.31
N GLU A 122 -27.92 -25.42 1.65
CA GLU A 122 -27.76 -26.68 2.39
C GLU A 122 -26.30 -26.87 2.81
N GLU A 123 -25.36 -26.39 2.03
CA GLU A 123 -23.98 -26.40 2.46
C GLU A 123 -23.79 -25.52 3.74
N GLN A 124 -24.39 -24.34 3.74
CA GLN A 124 -24.27 -23.45 4.88
C GLN A 124 -24.86 -24.08 6.13
N GLN A 125 -26.02 -24.70 5.95
CA GLN A 125 -26.71 -25.31 7.07
C GLN A 125 -25.85 -26.40 7.69
N ALA A 126 -25.12 -27.12 6.86
CA ALA A 126 -24.26 -28.19 7.38
C ALA A 126 -23.07 -27.59 8.15
N VAL A 127 -22.50 -26.50 7.65
CA VAL A 127 -21.46 -25.77 8.42
C VAL A 127 -21.98 -25.27 9.76
N LEU A 128 -23.17 -24.68 9.77
CA LEU A 128 -23.75 -24.16 11.00
C LEU A 128 -23.97 -25.30 12.01
N ALA A 129 -24.45 -26.46 11.54
CA ALA A 129 -24.65 -27.62 12.45
C ALA A 129 -23.31 -28.14 12.99
N GLY A 130 -22.29 -28.22 12.13
CA GLY A 130 -20.93 -28.48 12.60
C GLY A 130 -20.43 -27.51 13.70
N CYS A 131 -20.70 -26.23 13.58
CA CYS A 131 -20.32 -25.27 14.64
C CYS A 131 -21.07 -25.50 15.91
N ARG A 132 -22.35 -25.84 15.76
CA ARG A 132 -23.25 -26.11 16.87
C ARG A 132 -22.79 -27.35 17.66
N THR A 133 -22.35 -28.39 16.96
CA THR A 133 -21.94 -29.64 17.61
C THR A 133 -20.50 -29.64 18.09
N GLY A 134 -19.75 -28.61 17.74
CA GLY A 134 -18.33 -28.65 18.02
C GLY A 134 -17.53 -29.50 17.06
N GLN A 135 -18.08 -29.92 15.92
CA GLN A 135 -17.23 -30.57 14.91
C GLN A 135 -16.24 -29.55 14.37
N VAL A 136 -16.73 -28.37 14.02
CA VAL A 136 -15.88 -27.31 13.48
C VAL A 136 -15.08 -26.66 14.60
N ARG A 137 -13.77 -26.50 14.39
CA ARG A 137 -12.88 -25.82 15.33
C ARG A 137 -12.56 -24.40 14.89
N LEU A 138 -12.45 -24.17 13.57
CA LEU A 138 -12.26 -22.83 13.05
C LEU A 138 -13.27 -22.55 11.96
N LEU A 139 -13.91 -21.39 12.09
CA LEU A 139 -14.92 -20.94 11.17
C LEU A 139 -14.44 -19.62 10.56
N TYR A 140 -14.21 -19.60 9.26
CA TYR A 140 -13.84 -18.40 8.54
C TYR A 140 -15.10 -17.73 8.03
N ILE A 141 -15.18 -16.42 8.22
CA ILE A 141 -16.43 -15.68 7.94
C ILE A 141 -16.15 -14.18 7.68
N ALA A 142 -16.96 -13.56 6.84
CA ALA A 142 -16.85 -12.12 6.57
C ALA A 142 -17.62 -11.34 7.61
N PRO A 143 -17.21 -10.10 7.91
CA PRO A 143 -17.89 -9.30 8.94
C PRO A 143 -19.33 -8.95 8.60
N GLU A 144 -19.64 -8.75 7.33
CA GLU A 144 -21.05 -8.50 6.96
C GLU A 144 -21.97 -9.65 7.35
N ARG A 145 -21.50 -10.89 7.29
CA ARG A 145 -22.37 -12.00 7.66
C ARG A 145 -22.40 -12.11 9.17
N LEU A 146 -21.22 -11.96 9.77
CA LEU A 146 -21.07 -12.17 11.20
C LEU A 146 -21.88 -11.16 12.00
N MET A 147 -21.91 -9.90 11.53
CA MET A 147 -22.50 -8.79 12.29
C MET A 147 -24.01 -8.59 12.09
N MET A 148 -24.65 -9.49 11.37
CA MET A 148 -26.11 -9.48 11.31
C MET A 148 -26.68 -9.90 12.67
N ASP A 149 -27.68 -9.15 13.14
CA ASP A 149 -28.18 -9.29 14.52
C ASP A 149 -28.58 -10.72 14.86
N ASN A 150 -29.36 -11.31 13.98
CA ASN A 150 -29.76 -12.69 14.13
C ASN A 150 -28.58 -13.67 14.19
N PHE A 151 -27.52 -13.42 13.40
CA PHE A 151 -26.35 -14.31 13.43
C PHE A 151 -25.66 -14.23 14.77
N ILE A 152 -25.58 -13.00 15.30
CA ILE A 152 -24.94 -12.76 16.60
C ILE A 152 -25.70 -13.58 17.62
N ASP A 153 -27.03 -13.57 17.54
CA ASP A 153 -27.84 -14.32 18.48
C ASP A 153 -27.55 -15.82 18.41
N THR A 154 -27.50 -16.40 17.22
CA THR A 154 -27.14 -17.82 17.12
C THR A 154 -25.78 -18.15 17.73
N LEU A 155 -24.83 -17.22 17.70
CA LEU A 155 -23.50 -17.48 18.30
C LEU A 155 -23.57 -17.71 19.79
N GLY A 156 -24.45 -16.95 20.46
CA GLY A 156 -24.60 -17.02 21.91
C GLY A 156 -24.71 -18.45 22.39
N TYR A 157 -25.35 -19.29 21.58
CA TYR A 157 -25.60 -20.68 21.95
C TYR A 157 -24.43 -21.63 21.64
N TRP A 158 -23.48 -21.23 20.77
CA TRP A 158 -22.29 -22.03 20.50
C TRP A 158 -21.24 -21.84 21.59
N ASP A 159 -20.28 -22.75 21.62
CA ASP A 159 -19.20 -22.66 22.59
C ASP A 159 -18.02 -21.91 21.95
N LEU A 160 -17.94 -20.64 22.25
CA LEU A 160 -17.05 -19.73 21.54
C LEU A 160 -15.74 -19.54 22.33
N ALA A 161 -14.62 -20.00 21.75
CA ALA A 161 -13.30 -19.94 22.42
C ALA A 161 -12.47 -18.70 22.11
N MET A 162 -12.59 -18.14 20.91
CA MET A 162 -11.72 -17.03 20.53
C MET A 162 -12.26 -16.37 19.28
N VAL A 163 -11.91 -15.12 19.08
CA VAL A 163 -12.17 -14.48 17.79
C VAL A 163 -10.87 -13.91 17.28
N ALA A 164 -10.58 -14.19 16.03
CA ALA A 164 -9.36 -13.71 15.44
C ALA A 164 -9.72 -12.92 14.20
N VAL A 165 -9.09 -11.76 14.03
CA VAL A 165 -9.37 -10.89 12.89
C VAL A 165 -8.08 -10.80 12.12
N ASP A 166 -8.06 -11.44 10.96
CA ASP A 166 -6.94 -11.46 10.06
C ASP A 166 -6.95 -10.18 9.23
N GLU A 167 -5.82 -9.82 8.64
CA GLU A 167 -5.74 -8.61 7.82
C GLU A 167 -6.44 -7.47 8.58
N ALA A 168 -6.11 -7.34 9.87
CA ALA A 168 -6.81 -6.45 10.78
C ALA A 168 -6.69 -4.97 10.43
N HIS A 169 -5.71 -4.61 9.62
CA HIS A 169 -5.62 -3.24 9.10
C HIS A 169 -6.89 -2.81 8.35
N CYS A 170 -7.64 -3.79 7.83
CA CYS A 170 -8.92 -3.55 7.15
C CYS A 170 -9.94 -2.88 8.06
N ILE A 171 -9.87 -3.16 9.36
CA ILE A 171 -10.72 -2.50 10.30
C ILE A 171 -10.60 -1.01 10.09
N SER A 172 -9.37 -0.52 10.06
CA SER A 172 -9.12 0.91 9.99
C SER A 172 -9.20 1.46 8.57
N GLN A 173 -8.75 0.66 7.62
CA GLN A 173 -8.65 1.08 6.23
C GLN A 173 -10.00 1.04 5.48
N TRP A 174 -10.91 0.17 5.94
CA TRP A 174 -12.21 -0.02 5.34
C TRP A 174 -13.38 0.28 6.24
N GLY A 175 -13.21 0.12 7.54
CA GLY A 175 -14.34 0.19 8.43
C GLY A 175 -14.99 1.56 8.50
N HIS A 176 -14.24 2.64 8.24
CA HIS A 176 -14.83 3.98 8.30
C HIS A 176 -15.71 4.33 7.12
N ASP A 177 -15.60 3.61 5.99
CA ASP A 177 -16.34 4.00 4.78
C ASP A 177 -16.78 2.84 3.87
N PHE A 178 -15.81 2.12 3.33
CA PHE A 178 -16.07 1.14 2.30
C PHE A 178 -16.81 -0.12 2.81
N ARG A 179 -16.44 -0.61 3.98
CA ARG A 179 -17.10 -1.76 4.58
C ARG A 179 -17.29 -1.51 6.06
N PRO A 180 -18.39 -0.83 6.44
CA PRO A 180 -18.63 -0.38 7.81
C PRO A 180 -18.77 -1.48 8.82
N GLU A 181 -19.18 -2.67 8.39
CA GLU A 181 -19.24 -3.78 9.33
C GLU A 181 -17.86 -4.12 9.89
N TYR A 182 -16.80 -3.71 9.19
CA TYR A 182 -15.46 -3.83 9.75
C TYR A 182 -15.29 -3.03 11.01
N ALA A 183 -15.93 -1.86 11.09
CA ALA A 183 -15.90 -1.06 12.32
C ALA A 183 -16.89 -1.58 13.36
N ALA A 184 -17.83 -2.42 12.96
CA ALA A 184 -18.86 -2.88 13.88
C ALA A 184 -18.44 -4.08 14.77
N LEU A 185 -17.23 -4.61 14.59
CA LEU A 185 -16.84 -5.85 15.26
C LEU A 185 -16.62 -5.66 16.73
N GLY A 186 -16.36 -4.44 17.15
CA GLY A 186 -16.36 -4.08 18.57
C GLY A 186 -17.65 -4.44 19.28
N GLN A 187 -18.77 -4.36 18.57
CA GLN A 187 -20.08 -4.74 19.16
C GLN A 187 -20.06 -6.22 19.53
N LEU A 188 -19.45 -7.02 18.67
CA LEU A 188 -19.28 -8.45 18.95
C LEU A 188 -18.44 -8.60 20.20
N ARG A 189 -17.41 -7.78 20.30
CA ARG A 189 -16.47 -7.88 21.42
C ARG A 189 -17.17 -7.65 22.76
N ALA A 190 -18.04 -6.64 22.80
CA ALA A 190 -18.78 -6.30 24.01
C ALA A 190 -19.84 -7.38 24.36
N ARG A 191 -20.42 -8.01 23.35
CA ARG A 191 -21.36 -9.12 23.58
C ARG A 191 -20.69 -10.33 24.21
N PHE A 192 -19.39 -10.53 23.98
CA PHE A 192 -18.67 -11.71 24.46
C PHE A 192 -17.40 -11.38 25.24
N PRO A 193 -17.57 -10.69 26.38
CA PRO A 193 -16.43 -10.12 27.10
C PRO A 193 -15.45 -11.17 27.60
N ALA A 194 -15.91 -12.38 27.79
CA ALA A 194 -15.05 -13.41 28.32
C ALA A 194 -14.28 -14.16 27.22
N VAL A 195 -14.53 -13.90 25.94
CA VAL A 195 -13.74 -14.60 24.90
C VAL A 195 -12.62 -13.68 24.37
N PRO A 196 -11.37 -14.15 24.38
CA PRO A 196 -10.27 -13.34 23.90
C PRO A 196 -10.37 -13.04 22.43
N PHE A 197 -9.93 -11.85 22.07
CA PHE A 197 -9.94 -11.39 20.70
C PHE A 197 -8.49 -11.15 20.27
N MET A 198 -8.19 -11.52 19.03
CA MET A 198 -6.84 -11.38 18.49
C MET A 198 -6.99 -10.67 17.13
N ALA A 199 -6.22 -9.61 16.92
CA ALA A 199 -6.14 -8.95 15.65
C ALA A 199 -4.72 -9.14 15.08
N LEU A 200 -4.62 -9.53 13.80
CA LEU A 200 -3.31 -9.73 13.12
C LEU A 200 -3.24 -8.96 11.85
N THR A 201 -2.08 -8.40 11.56
CA THR A 201 -1.86 -7.65 10.34
C THR A 201 -0.38 -7.63 10.00
N ALA A 202 -0.08 -7.37 8.75
CA ALA A 202 1.27 -7.26 8.29
C ALA A 202 1.70 -5.82 8.16
N THR A 203 0.77 -4.89 8.00
CA THR A 203 1.15 -3.49 7.82
C THR A 203 0.23 -2.63 8.67
N ALA A 204 0.80 -1.95 9.65
CA ALA A 204 0.02 -1.03 10.48
C ALA A 204 0.93 -0.02 11.14
N ASP A 205 0.76 1.26 10.82
CA ASP A 205 1.47 2.30 11.59
C ASP A 205 0.79 2.50 12.94
N ASP A 206 1.32 3.42 13.72
CA ASP A 206 0.77 3.69 15.05
C ASP A 206 -0.71 4.09 15.05
N THR A 207 -1.07 4.94 14.11
CA THR A 207 -2.45 5.35 13.91
C THR A 207 -3.39 4.16 13.62
N THR A 208 -2.94 3.26 12.76
CA THR A 208 -3.76 2.12 12.44
C THR A 208 -3.84 1.17 13.65
N ARG A 209 -2.75 1.02 14.37
CA ARG A 209 -2.76 0.14 15.54
C ARG A 209 -3.75 0.63 16.56
N ARG A 210 -3.67 1.91 16.89
CA ARG A 210 -4.57 2.50 17.86
C ARG A 210 -6.01 2.40 17.38
N ASP A 211 -6.21 2.58 16.08
CA ASP A 211 -7.55 2.51 15.52
C ASP A 211 -8.12 1.10 15.65
N ILE A 212 -7.25 0.10 15.53
CA ILE A 212 -7.69 -1.29 15.64
C ILE A 212 -8.09 -1.60 17.08
N VAL A 213 -7.25 -1.21 18.02
CA VAL A 213 -7.55 -1.40 19.44
C VAL A 213 -8.91 -0.77 19.80
N ARG A 214 -9.09 0.48 19.41
CA ARG A 214 -10.32 1.23 19.67
C ARG A 214 -11.58 0.56 19.05
N LEU A 215 -11.54 0.33 17.74
CA LEU A 215 -12.71 -0.12 17.01
C LEU A 215 -13.07 -1.55 17.31
N LEU A 216 -12.09 -2.31 17.75
CA LEU A 216 -12.33 -3.71 18.02
C LEU A 216 -12.55 -3.92 19.51
N GLY A 217 -12.32 -2.89 20.33
CA GLY A 217 -12.54 -2.96 21.77
C GLY A 217 -11.58 -3.90 22.47
N LEU A 218 -10.33 -3.97 21.99
CA LEU A 218 -9.31 -4.80 22.64
C LEU A 218 -9.03 -4.22 24.02
N ASP A 219 -8.89 -5.11 24.99
CA ASP A 219 -8.72 -4.75 26.38
C ASP A 219 -7.27 -4.90 26.80
N ASP A 220 -6.60 -3.77 27.04
CA ASP A 220 -5.17 -3.76 27.32
C ASP A 220 -4.40 -4.89 26.60
N PRO A 221 -4.42 -4.90 25.27
CA PRO A 221 -3.81 -6.04 24.57
C PRO A 221 -2.29 -6.12 24.69
N LEU A 222 -1.78 -7.35 24.68
CA LEU A 222 -0.40 -7.59 24.29
C LEU A 222 -0.23 -7.08 22.85
N ILE A 223 0.68 -6.14 22.66
CA ILE A 223 1.01 -5.65 21.33
C ILE A 223 2.42 -6.16 21.00
N GLU A 224 2.54 -6.91 19.91
CA GLU A 224 3.82 -7.42 19.41
C GLU A 224 4.03 -7.02 17.96
N ILE A 225 5.12 -6.30 17.73
CA ILE A 225 5.46 -5.70 16.46
C ILE A 225 6.84 -6.18 16.07
N SER A 226 6.93 -6.86 14.94
CA SER A 226 8.22 -7.29 14.44
C SER A 226 8.66 -6.30 13.39
N SER A 227 9.81 -6.58 12.79
CA SER A 227 10.53 -5.65 11.98
C SER A 227 9.88 -5.45 10.62
N PHE A 228 10.01 -4.22 10.10
CA PHE A 228 9.53 -3.89 8.80
C PHE A 228 10.62 -4.01 7.71
N ASP A 229 11.84 -4.33 8.12
CA ASP A 229 12.99 -4.32 7.19
C ASP A 229 12.88 -5.47 6.20
N ARG A 230 12.96 -5.16 4.90
CA ARG A 230 13.08 -6.15 3.85
C ARG A 230 14.39 -5.91 3.12
N PRO A 231 15.48 -6.53 3.57
CA PRO A 231 16.78 -6.11 3.01
C PRO A 231 17.01 -6.45 1.55
N ASN A 232 16.26 -7.41 1.03
CA ASN A 232 16.42 -7.82 -0.36
C ASN A 232 15.61 -6.96 -1.32
N ILE A 233 14.76 -6.08 -0.79
CA ILE A 233 14.01 -5.17 -1.66
C ILE A 233 14.79 -3.90 -1.83
N ARG A 234 15.02 -3.50 -3.07
CA ARG A 234 15.68 -2.25 -3.37
C ARG A 234 14.62 -1.20 -3.72
N TYR A 235 14.54 -0.12 -2.93
CA TYR A 235 13.51 0.89 -3.10
C TYR A 235 14.07 1.97 -3.98
N MET A 236 13.42 2.18 -5.14
CA MET A 236 13.86 3.13 -6.12
C MET A 236 12.71 4.07 -6.49
N LEU A 237 13.08 5.27 -6.91
CA LEU A 237 12.12 6.27 -7.36
C LEU A 237 12.70 6.87 -8.64
N MET A 238 11.83 7.19 -9.58
CA MET A 238 12.27 7.86 -10.80
C MET A 238 11.29 8.99 -11.04
N GLU A 239 11.80 10.16 -11.35
CA GLU A 239 10.96 11.29 -11.65
C GLU A 239 10.28 11.00 -12.98
N LYS A 240 8.98 11.27 -13.02
CA LYS A 240 8.15 10.93 -14.15
C LYS A 240 8.20 12.07 -15.17
N PHE A 241 8.76 11.83 -16.35
CA PHE A 241 8.76 12.83 -17.44
C PHE A 241 8.01 12.35 -18.70
N LYS A 242 8.39 11.18 -19.21
CA LYS A 242 7.65 10.55 -20.31
C LYS A 242 7.10 9.21 -19.85
N PRO A 243 6.02 9.24 -19.07
CA PRO A 243 5.60 8.07 -18.35
C PRO A 243 5.80 6.76 -19.10
N LEU A 244 5.16 6.67 -20.27
CA LEU A 244 5.08 5.41 -20.99
C LEU A 244 6.42 4.96 -21.48
N ASP A 245 7.20 5.87 -22.04
CA ASP A 245 8.53 5.50 -22.52
C ASP A 245 9.45 5.06 -21.38
N GLN A 246 9.38 5.75 -20.24
CA GLN A 246 10.17 5.36 -19.07
C GLN A 246 9.74 4.01 -18.55
N LEU A 247 8.43 3.78 -18.47
CA LEU A 247 7.90 2.50 -18.04
C LEU A 247 8.32 1.39 -18.99
N MET A 248 8.23 1.64 -20.29
CA MET A 248 8.64 0.65 -21.31
C MET A 248 10.10 0.29 -21.14
N ARG A 249 10.94 1.32 -21.07
CA ARG A 249 12.38 1.11 -20.91
C ARG A 249 12.68 0.31 -19.63
N TYR A 250 11.95 0.60 -18.56
CA TYR A 250 12.15 -0.09 -17.31
C TYR A 250 11.74 -1.55 -17.43
N VAL A 251 10.54 -1.79 -17.99
CA VAL A 251 10.04 -3.15 -18.21
C VAL A 251 11.01 -3.98 -19.07
N GLN A 252 11.53 -3.38 -20.13
CA GLN A 252 12.45 -4.08 -21.02
C GLN A 252 13.72 -4.48 -20.31
N GLU A 253 14.18 -3.65 -19.38
CA GLU A 253 15.39 -3.94 -18.61
C GLU A 253 15.24 -5.11 -17.65
N GLN A 254 14.00 -5.50 -17.34
CA GLN A 254 13.72 -6.66 -16.48
C GLN A 254 13.83 -7.97 -17.23
N ARG A 255 13.87 -7.88 -18.56
CA ARG A 255 14.20 -9.01 -19.43
C ARG A 255 13.46 -10.30 -19.08
N GLY A 256 12.13 -10.24 -19.06
CA GLY A 256 11.33 -11.45 -18.84
C GLY A 256 10.91 -11.73 -17.40
N LYS A 257 11.41 -10.94 -16.46
CA LYS A 257 11.11 -11.13 -15.04
C LYS A 257 9.65 -10.89 -14.67
N SER A 258 9.16 -11.65 -13.72
CA SER A 258 7.81 -11.50 -13.24
C SER A 258 7.63 -10.23 -12.33
N GLY A 259 6.56 -9.46 -12.54
CA GLY A 259 6.37 -8.23 -11.77
C GLY A 259 4.96 -7.67 -11.83
N ILE A 260 4.70 -6.67 -10.98
CA ILE A 260 3.40 -6.03 -10.89
C ILE A 260 3.55 -4.52 -11.17
N ILE A 261 2.58 -3.95 -11.91
CA ILE A 261 2.58 -2.52 -12.19
C ILE A 261 1.28 -2.00 -11.66
N TYR A 262 1.36 -1.13 -10.65
CA TYR A 262 0.21 -0.55 -9.99
C TYR A 262 -0.12 0.81 -10.57
N CYS A 263 -1.40 1.03 -10.90
CA CYS A 263 -1.90 2.36 -11.26
C CYS A 263 -3.10 2.70 -10.40
N ASN A 264 -3.43 3.99 -10.37
CA ASN A 264 -4.46 4.53 -9.51
C ASN A 264 -5.87 4.61 -10.15
N SER A 265 -6.07 4.03 -11.34
CA SER A 265 -7.39 4.02 -11.99
C SER A 265 -7.59 2.81 -12.90
N ARG A 266 -8.84 2.38 -13.05
CA ARG A 266 -9.14 1.24 -13.95
C ARG A 266 -8.73 1.55 -15.37
N ALA A 267 -9.08 2.76 -15.82
CA ALA A 267 -8.79 3.18 -17.18
C ALA A 267 -7.30 3.10 -17.44
N LYS A 268 -6.51 3.72 -16.56
CA LYS A 268 -5.05 3.70 -16.68
C LYS A 268 -4.47 2.28 -16.76
N VAL A 269 -5.03 1.38 -15.95
CA VAL A 269 -4.65 -0.04 -15.96
C VAL A 269 -4.94 -0.68 -17.32
N GLU A 270 -6.09 -0.39 -17.91
CA GLU A 270 -6.45 -0.94 -19.25
C GLU A 270 -5.52 -0.40 -20.34
N ASP A 271 -5.34 0.92 -20.37
CA ASP A 271 -4.43 1.56 -21.32
C ASP A 271 -3.06 0.93 -21.22
N THR A 272 -2.48 0.97 -20.02
CA THR A 272 -1.12 0.53 -19.84
C THR A 272 -0.98 -0.90 -20.24
N ALA A 273 -1.92 -1.72 -19.81
CA ALA A 273 -1.92 -3.12 -20.22
C ALA A 273 -1.86 -3.21 -21.74
N ALA A 274 -2.82 -2.57 -22.40
CA ALA A 274 -2.92 -2.58 -23.88
C ALA A 274 -1.62 -2.15 -24.54
N ARG A 275 -1.13 -0.99 -24.14
CA ARG A 275 0.06 -0.41 -24.78
C ARG A 275 1.30 -1.27 -24.58
N LEU A 276 1.34 -2.07 -23.52
CA LEU A 276 2.43 -3.01 -23.32
C LEU A 276 2.29 -4.22 -24.22
N GLN A 277 1.05 -4.69 -24.37
CA GLN A 277 0.75 -5.84 -25.24
C GLN A 277 1.08 -5.53 -26.70
N SER A 278 0.73 -4.31 -27.13
CA SER A 278 1.24 -3.74 -28.36
C SER A 278 2.72 -4.08 -28.59
N ARG A 279 3.61 -3.62 -27.71
CA ARG A 279 5.05 -3.89 -27.82
C ARG A 279 5.45 -5.34 -27.55
N GLY A 280 4.48 -6.24 -27.39
CA GLY A 280 4.77 -7.69 -27.31
C GLY A 280 4.95 -8.28 -25.91
N ILE A 281 4.72 -7.45 -24.88
CA ILE A 281 5.08 -7.82 -23.52
C ILE A 281 3.95 -8.61 -22.87
N SER A 282 4.30 -9.72 -22.24
CA SER A 282 3.32 -10.54 -21.55
C SER A 282 2.76 -9.75 -20.36
N ALA A 283 1.62 -9.11 -20.59
CA ALA A 283 0.97 -8.26 -19.61
C ALA A 283 -0.53 -8.40 -19.72
N ALA A 284 -1.23 -8.41 -18.58
CA ALA A 284 -2.70 -8.37 -18.54
C ALA A 284 -3.18 -7.41 -17.45
N ALA A 285 -4.35 -6.84 -17.66
CA ALA A 285 -4.96 -5.90 -16.73
C ALA A 285 -5.70 -6.66 -15.64
N TYR A 286 -5.78 -6.07 -14.44
CA TYR A 286 -6.51 -6.70 -13.34
C TYR A 286 -7.09 -5.58 -12.50
N HIS A 287 -8.43 -5.56 -12.41
CA HIS A 287 -9.15 -4.61 -11.57
C HIS A 287 -10.56 -5.10 -11.25
N ALA A 288 -11.28 -4.42 -10.35
CA ALA A 288 -12.55 -4.97 -9.83
C ALA A 288 -13.75 -4.87 -10.77
N GLY A 289 -13.61 -4.13 -11.86
CA GLY A 289 -14.61 -4.09 -12.93
C GLY A 289 -14.47 -5.18 -13.97
N LEU A 290 -13.57 -6.13 -13.75
CA LEU A 290 -13.49 -7.31 -14.58
C LEU A 290 -14.25 -8.42 -13.91
N GLU A 291 -14.75 -9.37 -14.71
CA GLU A 291 -15.50 -10.52 -14.20
C GLU A 291 -14.63 -11.43 -13.34
N HIS A 292 -15.24 -11.99 -12.29
CA HIS A 292 -14.51 -12.81 -11.32
C HIS A 292 -13.77 -14.02 -11.90
N GLU A 293 -14.22 -14.55 -13.03
CA GLU A 293 -13.53 -15.68 -13.65
C GLU A 293 -12.31 -15.19 -14.45
N VAL A 294 -12.37 -13.96 -14.97
CA VAL A 294 -11.19 -13.34 -15.60
C VAL A 294 -10.09 -13.00 -14.56
N ARG A 295 -10.49 -12.32 -13.50
CA ARG A 295 -9.56 -12.01 -12.42
C ARG A 295 -8.84 -13.29 -11.96
N ALA A 296 -9.63 -14.34 -11.76
CA ALA A 296 -9.10 -15.61 -11.27
C ALA A 296 -8.08 -16.21 -12.22
N SER A 297 -8.36 -16.07 -13.51
CA SER A 297 -7.47 -16.59 -14.55
C SER A 297 -6.16 -15.83 -14.61
N VAL A 298 -6.27 -14.49 -14.57
CA VAL A 298 -5.07 -13.61 -14.56
C VAL A 298 -4.19 -13.94 -13.35
N GLN A 299 -4.78 -14.02 -12.17
CA GLN A 299 -4.02 -14.32 -10.95
C GLN A 299 -3.35 -15.69 -11.07
N GLU A 300 -4.15 -16.69 -11.41
CA GLU A 300 -3.66 -18.07 -11.62
C GLU A 300 -2.55 -18.12 -12.67
N LYS A 301 -2.70 -17.40 -13.78
CA LYS A 301 -1.66 -17.40 -14.79
C LYS A 301 -0.38 -16.78 -14.24
N PHE A 302 -0.52 -15.59 -13.64
CA PHE A 302 0.61 -14.93 -13.01
C PHE A 302 1.32 -15.85 -12.05
N GLN A 303 0.57 -16.62 -11.27
CA GLN A 303 1.16 -17.56 -10.33
C GLN A 303 1.89 -18.70 -11.04
N ARG A 304 1.28 -19.22 -12.11
CA ARG A 304 1.87 -20.30 -12.92
C ARG A 304 3.04 -19.83 -13.80
N ASP A 305 3.38 -18.55 -13.73
CA ASP A 305 4.42 -17.96 -14.56
C ASP A 305 4.10 -18.03 -16.05
N ASP A 306 2.80 -18.19 -16.36
CA ASP A 306 2.29 -18.12 -17.74
C ASP A 306 2.05 -16.66 -18.14
N LEU A 307 2.00 -15.77 -17.15
CA LEU A 307 1.90 -14.34 -17.37
C LEU A 307 3.10 -13.66 -16.72
N GLN A 308 3.74 -12.74 -17.42
CA GLN A 308 4.93 -12.09 -16.90
C GLN A 308 4.50 -11.00 -15.92
N ILE A 309 3.64 -10.12 -16.42
CA ILE A 309 3.28 -8.92 -15.72
C ILE A 309 1.78 -8.79 -15.51
N VAL A 310 1.39 -8.37 -14.29
CA VAL A 310 0.03 -7.92 -14.02
C VAL A 310 0.02 -6.39 -13.84
N VAL A 311 -0.89 -5.73 -14.54
CA VAL A 311 -1.07 -4.29 -14.44
C VAL A 311 -2.35 -4.18 -13.66
N ALA A 312 -2.36 -3.38 -12.59
CA ALA A 312 -3.42 -3.50 -11.59
C ALA A 312 -3.72 -2.26 -10.82
N THR A 313 -4.95 -2.21 -10.32
CA THR A 313 -5.33 -1.34 -9.23
C THR A 313 -5.05 -2.05 -7.91
N VAL A 314 -5.35 -1.36 -6.81
CA VAL A 314 -5.30 -1.94 -5.45
C VAL A 314 -6.06 -3.26 -5.26
N ALA A 315 -7.00 -3.57 -6.14
CA ALA A 315 -7.69 -4.85 -6.13
C ALA A 315 -6.75 -6.06 -6.22
N PHE A 316 -5.62 -5.91 -6.90
CA PHE A 316 -4.65 -7.00 -6.95
C PHE A 316 -3.76 -6.91 -5.73
N GLY A 317 -4.01 -7.82 -4.80
CA GLY A 317 -3.41 -7.62 -3.51
C GLY A 317 -3.35 -8.77 -2.57
N MET A 318 -4.28 -8.77 -1.61
CA MET A 318 -4.22 -9.67 -0.47
C MET A 318 -4.38 -11.11 -0.95
N GLY A 319 -3.63 -12.01 -0.33
CA GLY A 319 -3.65 -13.42 -0.75
C GLY A 319 -3.09 -13.63 -2.14
N ILE A 320 -1.88 -13.13 -2.32
CA ILE A 320 -1.05 -13.48 -3.43
C ILE A 320 0.15 -14.14 -2.78
N ASN A 321 0.27 -15.46 -2.93
CA ASN A 321 1.46 -16.15 -2.51
C ASN A 321 2.25 -16.58 -3.73
N LYS A 322 2.89 -15.56 -4.31
CA LYS A 322 3.85 -15.75 -5.37
C LYS A 322 5.21 -15.33 -4.84
N PRO A 323 6.15 -16.28 -4.77
CA PRO A 323 7.42 -16.04 -4.12
C PRO A 323 8.45 -15.33 -4.98
N ASN A 324 8.23 -15.28 -6.29
CA ASN A 324 9.25 -14.75 -7.18
C ASN A 324 8.81 -13.53 -8.00
N VAL A 325 8.06 -12.62 -7.37
CA VAL A 325 7.79 -11.32 -7.98
C VAL A 325 9.08 -10.53 -7.78
N ARG A 326 9.66 -10.10 -8.89
CA ARG A 326 10.98 -9.49 -8.86
C ARG A 326 10.92 -7.96 -8.93
N PHE A 327 9.82 -7.44 -9.47
CA PHE A 327 9.63 -6.01 -9.42
C PHE A 327 8.17 -5.63 -9.16
N VAL A 328 8.02 -4.57 -8.36
CA VAL A 328 6.74 -3.90 -8.17
C VAL A 328 6.91 -2.49 -8.61
N VAL A 329 6.15 -2.08 -9.63
CA VAL A 329 6.21 -0.73 -10.14
C VAL A 329 4.98 0.02 -9.69
N HIS A 330 5.20 1.17 -9.06
CA HIS A 330 4.10 2.12 -8.87
C HIS A 330 4.17 3.20 -9.92
N PHE A 331 3.27 3.09 -10.89
CA PHE A 331 3.21 4.00 -12.00
C PHE A 331 2.61 5.31 -11.54
N ASP A 332 1.71 5.21 -10.57
CA ASP A 332 1.20 6.38 -9.84
C ASP A 332 1.56 6.20 -8.38
N ILE A 333 1.91 7.29 -7.73
CA ILE A 333 2.20 7.24 -6.32
C ILE A 333 0.96 6.80 -5.53
N PRO A 334 1.08 5.86 -4.58
CA PRO A 334 -0.09 5.48 -3.76
C PRO A 334 -0.54 6.56 -2.80
N ARG A 335 -1.66 6.27 -2.15
CA ARG A 335 -2.35 7.24 -1.32
C ARG A 335 -1.74 7.36 0.06
N ASN A 336 -0.95 6.38 0.48
CA ASN A 336 -0.24 6.48 1.74
C ASN A 336 0.89 5.46 1.83
N ILE A 337 1.69 5.59 2.87
CA ILE A 337 2.89 4.80 3.03
C ILE A 337 2.57 3.35 3.34
N GLU A 338 1.49 3.09 4.08
CA GLU A 338 1.05 1.73 4.35
C GLU A 338 0.70 0.94 3.08
N SER A 339 0.01 1.58 2.15
CA SER A 339 -0.32 0.95 0.85
C SER A 339 0.95 0.69 0.09
N TYR A 340 1.84 1.67 0.10
CA TYR A 340 3.12 1.52 -0.56
C TYR A 340 3.91 0.36 0.04
N TYR A 341 3.98 0.30 1.36
CA TYR A 341 4.74 -0.73 2.04
C TYR A 341 4.15 -2.12 1.69
N GLN A 342 2.84 -2.22 1.76
CA GLN A 342 2.14 -3.45 1.52
C GLN A 342 2.29 -3.89 0.06
N GLU A 343 2.24 -2.95 -0.87
CA GLU A 343 2.32 -3.33 -2.26
C GLU A 343 3.73 -3.62 -2.70
N THR A 344 4.70 -2.83 -2.26
CA THR A 344 6.09 -3.11 -2.59
C THR A 344 6.49 -4.43 -1.97
N GLY A 345 5.90 -4.74 -0.82
CA GLY A 345 6.23 -5.95 -0.09
C GLY A 345 5.78 -7.27 -0.70
N ARG A 346 5.01 -7.22 -1.78
CA ARG A 346 4.72 -8.41 -2.58
C ARG A 346 5.91 -8.88 -3.43
N ALA A 347 6.91 -8.02 -3.57
CA ALA A 347 8.15 -8.41 -4.22
C ALA A 347 9.07 -9.19 -3.29
N GLY A 348 9.83 -10.11 -3.88
CA GLY A 348 10.96 -10.73 -3.21
C GLY A 348 10.62 -11.58 -2.01
N ARG A 349 9.44 -12.19 -2.00
CA ARG A 349 9.08 -12.99 -0.82
C ARG A 349 9.99 -14.24 -0.63
N ASP A 350 10.66 -14.69 -1.68
CA ASP A 350 11.65 -15.78 -1.63
C ASP A 350 13.01 -15.36 -1.12
N GLY A 351 13.23 -14.07 -0.84
CA GLY A 351 14.47 -13.64 -0.18
C GLY A 351 15.54 -13.13 -1.12
N LEU A 352 15.32 -13.27 -2.42
CA LEU A 352 16.29 -12.86 -3.41
C LEU A 352 16.06 -11.41 -3.87
N PRO A 353 17.09 -10.77 -4.47
CA PRO A 353 16.97 -9.37 -4.85
C PRO A 353 15.68 -9.08 -5.62
N ALA A 354 14.95 -8.06 -5.17
CA ALA A 354 13.80 -7.57 -5.89
C ALA A 354 13.84 -6.04 -5.83
N GLU A 355 13.07 -5.41 -6.70
CA GLU A 355 13.13 -3.99 -6.88
C GLU A 355 11.74 -3.38 -6.80
N ALA A 356 11.61 -2.30 -6.05
CA ALA A 356 10.38 -1.53 -6.03
C ALA A 356 10.70 -0.27 -6.76
N MET A 357 9.88 0.14 -7.71
CA MET A 357 10.20 1.31 -8.52
C MET A 357 8.99 2.23 -8.64
N LEU A 358 9.14 3.41 -8.08
CA LEU A 358 8.10 4.41 -8.03
C LEU A 358 8.37 5.49 -9.08
N PHE A 359 7.42 5.72 -9.97
CA PHE A 359 7.49 6.79 -10.96
C PHE A 359 6.74 7.97 -10.38
N TYR A 360 7.48 8.97 -9.92
CA TYR A 360 6.88 10.09 -9.22
C TYR A 360 6.67 11.35 -10.05
N ASP A 361 5.42 11.80 -10.09
CA ASP A 361 5.06 13.10 -10.59
C ASP A 361 4.42 13.89 -9.47
N PRO A 362 4.96 15.06 -9.12
CA PRO A 362 4.30 15.82 -8.05
C PRO A 362 2.84 16.14 -8.37
N ALA A 363 2.55 16.39 -9.62
CA ALA A 363 1.17 16.62 -10.03
C ALA A 363 0.25 15.50 -9.54
N ASP A 364 0.73 14.26 -9.50
CA ASP A 364 -0.11 13.15 -9.01
C ASP A 364 -0.47 13.33 -7.53
N MET A 365 0.40 14.01 -6.79
CA MET A 365 0.14 14.28 -5.38
C MET A 365 -0.96 15.29 -5.28
N ALA A 366 -0.83 16.37 -6.03
CA ALA A 366 -1.85 17.39 -6.09
C ALA A 366 -3.22 16.76 -6.41
N TRP A 367 -3.28 15.83 -7.35
CA TRP A 367 -4.53 15.14 -7.65
C TRP A 367 -5.10 14.48 -6.40
N LEU A 368 -4.27 13.71 -5.71
CA LEU A 368 -4.72 12.98 -4.51
C LEU A 368 -5.17 13.95 -3.43
N ARG A 369 -4.42 15.03 -3.22
CA ARG A 369 -4.75 16.03 -2.20
C ARG A 369 -6.14 16.57 -2.47
N ARG A 370 -6.38 16.93 -3.72
CA ARG A 370 -7.69 17.33 -4.20
C ARG A 370 -8.78 16.30 -3.84
N CYS A 371 -8.57 15.03 -4.14
CA CYS A 371 -9.58 14.00 -3.81
C CYS A 371 -9.94 13.96 -2.32
N LEU A 372 -8.93 14.19 -1.47
CA LEU A 372 -9.10 14.08 -0.03
C LEU A 372 -9.89 15.24 0.53
N GLU A 373 -9.49 16.46 0.19
CA GLU A 373 -10.11 17.63 0.80
C GLU A 373 -11.39 18.05 0.07
N GLU A 374 -12.02 17.11 -0.65
CA GLU A 374 -13.40 17.27 -1.13
C GLU A 374 -14.41 16.68 -0.14
N LYS A 375 -14.04 15.58 0.52
CA LYS A 375 -14.93 14.92 1.49
C LYS A 375 -15.01 15.64 2.86
N ALA A 376 -15.75 15.04 3.80
CA ALA A 376 -16.10 15.67 5.08
C ALA A 376 -14.87 16.08 5.91
N PRO A 377 -14.74 17.39 6.22
CA PRO A 377 -13.68 17.83 7.14
C PRO A 377 -13.73 17.11 8.49
N GLY A 378 -12.64 17.18 9.25
CA GLY A 378 -12.57 16.52 10.57
C GLY A 378 -11.37 15.58 10.74
N PRO A 379 -11.25 14.96 11.93
CA PRO A 379 -10.14 14.13 12.37
C PRO A 379 -9.72 13.02 11.40
N LEU A 380 -10.70 12.37 10.77
CA LEU A 380 -10.45 11.26 9.85
C LEU A 380 -9.74 11.75 8.60
N GLN A 381 -10.19 12.89 8.10
CA GLN A 381 -9.59 13.51 6.95
C GLN A 381 -8.19 14.05 7.27
N ASP A 382 -8.01 14.56 8.49
CA ASP A 382 -6.68 15.02 8.93
C ASP A 382 -5.71 13.85 9.04
N ILE A 383 -6.21 12.67 9.37
CA ILE A 383 -5.35 11.49 9.42
C ILE A 383 -4.97 11.13 7.99
N GLU A 384 -5.96 10.93 7.13
CA GLU A 384 -5.68 10.67 5.73
C GLU A 384 -4.74 11.72 5.09
N ARG A 385 -4.92 13.00 5.40
CA ARG A 385 -4.10 14.07 4.81
C ARG A 385 -2.69 13.94 5.34
N HIS A 386 -2.56 13.65 6.62
CA HIS A 386 -1.25 13.41 7.20
C HIS A 386 -0.52 12.25 6.53
N LYS A 387 -1.24 11.17 6.25
CA LYS A 387 -0.64 9.96 5.68
C LYS A 387 -0.27 10.16 4.22
N LEU A 388 -1.11 10.85 3.49
CA LEU A 388 -0.76 11.24 2.13
C LEU A 388 0.51 12.09 2.16
N ASN A 389 0.55 13.05 3.09
CA ASN A 389 1.64 14.01 3.13
C ASN A 389 2.94 13.34 3.42
N ALA A 390 2.90 12.34 4.29
CA ALA A 390 4.01 11.47 4.55
C ALA A 390 4.48 10.72 3.29
N MET A 391 3.54 10.20 2.48
CA MET A 391 3.90 9.57 1.20
C MET A 391 4.66 10.54 0.32
N GLY A 392 4.22 11.79 0.28
CA GLY A 392 4.85 12.81 -0.54
C GLY A 392 6.23 13.17 -0.05
N ALA A 393 6.41 13.14 1.27
CA ALA A 393 7.68 13.40 1.88
C ALA A 393 8.68 12.28 1.61
N PHE A 394 8.20 11.03 1.62
CA PHE A 394 9.01 9.90 1.20
C PHE A 394 9.46 10.08 -0.24
N ALA A 395 8.55 10.50 -1.10
CA ALA A 395 8.89 10.71 -2.53
C ALA A 395 9.91 11.80 -2.72
N GLU A 396 9.78 12.88 -1.95
CA GLU A 396 10.67 14.06 -2.05
C GLU A 396 11.92 13.95 -1.14
N ALA A 397 12.10 12.86 -0.43
CA ALA A 397 13.18 12.80 0.54
C ALA A 397 14.55 12.94 -0.11
N GLN A 398 15.49 13.57 0.54
CA GLN A 398 16.88 13.50 0.07
C GLN A 398 17.69 12.74 1.08
N THR A 399 17.04 11.79 1.75
CA THR A 399 17.72 10.87 2.63
C THR A 399 17.32 9.46 2.25
N CYS A 400 18.00 8.49 2.83
CA CYS A 400 17.78 7.08 2.52
C CYS A 400 16.29 6.71 2.65
N ARG A 401 15.74 6.07 1.59
CA ARG A 401 14.31 5.77 1.51
C ARG A 401 13.86 4.88 2.62
N ARG A 402 14.75 3.97 2.96
CA ARG A 402 14.51 2.94 3.96
C ARG A 402 14.50 3.57 5.32
N LEU A 403 15.32 4.59 5.53
CA LEU A 403 15.26 5.30 6.80
C LEU A 403 13.90 5.98 6.98
N VAL A 404 13.37 6.54 5.90
CA VAL A 404 12.08 7.20 5.97
C VAL A 404 11.01 6.20 6.30
N LEU A 405 10.97 5.09 5.56
CA LEU A 405 9.96 4.04 5.80
C LEU A 405 10.02 3.49 7.19
N LEU A 406 11.21 3.06 7.57
CA LEU A 406 11.37 2.37 8.83
C LEU A 406 11.01 3.29 9.97
N ASN A 407 11.45 4.54 9.92
CA ASN A 407 11.12 5.46 11.01
C ASN A 407 9.67 5.87 10.99
N TYR A 408 9.07 5.97 9.81
CA TYR A 408 7.63 6.19 9.72
C TYR A 408 6.88 5.13 10.53
N PHE A 409 7.31 3.89 10.45
CA PHE A 409 6.67 2.81 11.21
C PHE A 409 7.14 2.68 12.66
N GLY A 410 7.86 3.67 13.18
CA GLY A 410 8.32 3.63 14.56
C GLY A 410 9.48 2.69 14.82
N GLU A 411 10.16 2.22 13.76
CA GLU A 411 11.36 1.37 13.92
C GLU A 411 12.62 2.22 13.82
N GLY A 412 13.18 2.57 14.96
CA GLY A 412 14.29 3.52 15.00
C GLY A 412 15.49 3.00 14.24
N ARG A 413 16.02 3.80 13.32
CA ARG A 413 17.23 3.50 12.62
C ARG A 413 17.80 4.80 12.06
N GLN A 414 19.13 4.93 12.03
CA GLN A 414 19.83 6.13 11.57
C GLN A 414 20.85 5.87 10.46
N ALA A 415 21.42 4.68 10.43
CA ALA A 415 22.39 4.34 9.39
C ALA A 415 21.69 4.06 8.08
N PRO A 416 22.17 4.67 6.99
CA PRO A 416 21.60 4.46 5.65
C PRO A 416 21.83 3.06 5.06
N CYS A 417 20.94 2.64 4.18
CA CYS A 417 20.78 1.22 3.88
C CYS A 417 21.77 0.69 2.83
N GLY A 418 22.28 1.56 1.96
CA GLY A 418 23.16 1.12 0.88
C GLY A 418 22.45 0.46 -0.28
N ASN A 419 21.10 0.44 -0.28
CA ASN A 419 20.31 -0.35 -1.21
C ASN A 419 18.98 0.35 -1.54
N CYS A 420 19.09 1.61 -1.95
CA CYS A 420 17.95 2.43 -2.30
C CYS A 420 18.50 3.46 -3.26
N ASP A 421 17.66 4.17 -3.97
CA ASP A 421 18.19 5.05 -5.02
C ASP A 421 18.97 6.25 -4.46
N ILE A 422 18.60 6.74 -3.29
CA ILE A 422 19.31 7.84 -2.67
C ILE A 422 20.71 7.40 -2.24
N CYS A 423 20.83 6.21 -1.63
CA CYS A 423 22.14 5.68 -1.23
C CYS A 423 23.04 5.35 -2.43
N LEU A 424 22.45 4.80 -3.48
CA LEU A 424 23.22 4.30 -4.64
C LEU A 424 23.61 5.43 -5.56
N ASP A 425 22.79 6.48 -5.63
CA ASP A 425 23.05 7.63 -6.50
C ASP A 425 22.71 8.94 -5.78
N PRO A 426 23.63 9.43 -4.93
CA PRO A 426 23.28 10.54 -4.05
C PRO A 426 22.80 11.80 -4.75
N PRO A 427 21.88 12.54 -4.13
CA PRO A 427 21.45 13.78 -4.75
C PRO A 427 22.63 14.73 -4.95
N ARG A 428 22.65 15.40 -6.10
CA ARG A 428 23.74 16.29 -6.45
C ARG A 428 23.09 17.64 -6.74
N ARG A 429 23.60 18.69 -6.10
CA ARG A 429 23.04 20.02 -6.23
C ARG A 429 23.89 20.92 -7.11
N TYR A 430 23.26 21.90 -7.75
CA TYR A 430 23.97 22.89 -8.55
C TYR A 430 23.39 24.26 -8.26
N ASP A 431 24.17 25.31 -8.55
CA ASP A 431 23.68 26.68 -8.45
C ASP A 431 22.54 26.89 -9.44
N GLY A 432 21.33 26.98 -8.94
CA GLY A 432 20.15 27.00 -9.80
C GLY A 432 19.59 28.38 -10.03
N LEU A 433 20.28 29.40 -9.51
CA LEU A 433 19.83 30.79 -9.56
C LEU A 433 19.44 31.25 -10.97
N VAL A 434 20.35 31.08 -11.92
CA VAL A 434 20.11 31.52 -13.29
C VAL A 434 18.90 30.82 -13.91
N ASP A 435 18.81 29.51 -13.72
CA ASP A 435 17.72 28.71 -14.25
C ASP A 435 16.40 29.13 -13.65
N ALA A 436 16.40 29.50 -12.37
CA ALA A 436 15.18 29.92 -11.72
C ALA A 436 14.70 31.22 -12.33
N GLN A 437 15.65 32.15 -12.54
CA GLN A 437 15.36 33.43 -13.19
C GLN A 437 14.66 33.22 -14.52
N LYS A 438 15.26 32.37 -15.36
CA LYS A 438 14.71 32.13 -16.68
C LYS A 438 13.30 31.58 -16.61
N ALA A 439 13.11 30.58 -15.75
CA ALA A 439 11.81 29.92 -15.62
C ALA A 439 10.79 30.86 -15.02
N LEU A 440 11.17 31.55 -13.96
CA LEU A 440 10.27 32.49 -13.29
C LEU A 440 9.96 33.70 -14.16
N SER A 441 11.00 34.22 -14.82
CA SER A 441 10.84 35.34 -15.76
C SER A 441 9.91 34.96 -16.91
N ALA A 442 10.03 33.74 -17.40
CA ALA A 442 9.16 33.26 -18.46
C ALA A 442 7.71 33.20 -18.01
N ILE A 443 7.48 32.78 -16.76
CA ILE A 443 6.13 32.71 -16.21
C ILE A 443 5.56 34.12 -16.00
N ALA A 444 6.43 35.06 -15.65
CA ALA A 444 6.04 36.45 -15.45
C ALA A 444 5.50 37.04 -16.75
N ARG A 445 6.29 36.89 -17.81
CA ARG A 445 5.99 37.50 -19.11
C ARG A 445 4.68 37.02 -19.74
N VAL A 446 4.34 35.74 -19.57
CA VAL A 446 3.05 35.24 -20.07
C VAL A 446 1.89 35.53 -19.10
N GLU A 447 2.13 36.43 -18.14
CA GLU A 447 1.11 36.92 -17.20
C GLU A 447 0.44 35.83 -16.35
N GLN A 448 1.19 34.78 -16.03
CA GLN A 448 0.75 33.75 -15.09
C GLN A 448 -0.61 33.18 -15.45
N ARG A 449 -0.85 32.94 -16.73
CA ARG A 449 -2.13 32.40 -17.18
C ARG A 449 -1.98 31.12 -17.99
N PHE A 450 -0.78 30.54 -17.97
CA PHE A 450 -0.49 29.36 -18.79
C PHE A 450 0.16 28.22 -18.01
N GLY A 451 -0.08 27.01 -18.49
CA GLY A 451 0.39 25.82 -17.81
C GLY A 451 1.87 25.53 -18.04
N MET A 452 2.29 24.37 -17.53
CA MET A 452 3.67 23.91 -17.57
C MET A 452 4.16 23.63 -18.98
N GLY A 453 3.39 22.84 -19.73
CA GLY A 453 3.77 22.47 -21.10
C GLY A 453 4.05 23.70 -21.95
N TYR A 454 3.15 24.68 -21.86
CA TYR A 454 3.28 25.91 -22.64
C TYR A 454 4.52 26.69 -22.22
N VAL A 455 4.64 26.98 -20.93
CA VAL A 455 5.76 27.77 -20.43
C VAL A 455 7.11 27.18 -20.83
N VAL A 456 7.18 25.86 -20.94
CA VAL A 456 8.41 25.18 -21.34
C VAL A 456 8.64 25.36 -22.83
N GLU A 457 7.59 25.18 -23.63
CA GLU A 457 7.70 25.43 -25.07
C GLU A 457 8.38 26.78 -25.33
N VAL A 458 7.82 27.82 -24.71
CA VAL A 458 8.42 29.15 -24.71
C VAL A 458 9.91 29.12 -24.34
N LEU A 459 10.26 28.41 -23.28
CA LEU A 459 11.64 28.42 -22.77
C LEU A 459 12.67 27.87 -23.75
N ARG A 460 12.24 26.89 -24.54
CA ARG A 460 13.15 26.23 -25.46
C ARG A 460 13.08 26.81 -26.88
N GLY A 461 12.31 27.88 -27.04
CA GLY A 461 12.25 28.61 -28.31
C GLY A 461 11.60 27.82 -29.44
N ALA A 462 10.82 26.82 -29.08
CA ALA A 462 10.16 25.97 -30.05
C ALA A 462 8.86 26.64 -30.48
N ASN A 463 8.77 26.99 -31.77
CA ASN A 463 7.64 27.77 -32.30
C ASN A 463 6.51 26.93 -32.89
N ASN A 464 5.32 27.02 -32.28
CA ASN A 464 4.10 26.43 -32.82
C ASN A 464 3.09 27.54 -33.07
N GLN A 465 1.86 27.20 -33.43
CA GLN A 465 0.84 28.21 -33.77
C GLN A 465 0.59 29.18 -32.62
N ARG A 466 0.40 28.65 -31.41
CA ARG A 466 0.10 29.49 -30.24
C ARG A 466 1.18 30.49 -29.87
N ILE A 467 2.44 30.18 -30.17
CA ILE A 467 3.54 31.11 -29.90
C ILE A 467 3.47 32.30 -30.85
N ARG A 468 3.47 32.01 -32.14
CA ARG A 468 3.38 33.05 -33.17
C ARG A 468 2.04 33.77 -33.12
N GLU A 469 0.95 33.03 -32.90
CA GLU A 469 -0.39 33.61 -32.79
C GLU A 469 -0.47 34.64 -31.66
N LEU A 470 -0.14 34.22 -30.43
CA LEU A 470 -0.18 35.12 -29.27
C LEU A 470 0.98 36.14 -29.30
N GLY A 471 2.02 35.82 -30.06
CA GLY A 471 3.14 36.74 -30.27
C GLY A 471 4.24 36.61 -29.23
N HIS A 472 4.46 35.39 -28.75
CA HIS A 472 5.47 35.10 -27.73
C HIS A 472 6.83 34.70 -28.31
N ASP A 473 6.94 34.73 -29.65
CA ASP A 473 8.24 34.56 -30.33
C ASP A 473 9.08 35.84 -30.33
N LYS A 474 8.44 36.98 -30.09
CA LYS A 474 9.12 38.29 -30.02
C LYS A 474 9.60 38.65 -28.61
N LEU A 475 9.07 37.97 -27.60
CA LEU A 475 9.48 38.19 -26.21
C LEU A 475 10.95 37.85 -25.99
N LYS A 476 11.59 38.55 -25.06
CA LYS A 476 13.02 38.42 -24.84
C LYS A 476 13.39 37.04 -24.28
N VAL A 477 12.53 36.50 -23.43
CA VAL A 477 12.76 35.21 -22.77
C VAL A 477 12.58 33.99 -23.69
N TYR A 478 11.84 34.19 -24.78
CA TYR A 478 11.56 33.13 -25.76
C TYR A 478 12.83 32.49 -26.32
N GLY A 479 13.08 31.25 -25.93
CA GLY A 479 14.22 30.48 -26.41
C GLY A 479 15.45 30.61 -25.55
N ILE A 480 15.34 31.30 -24.42
CA ILE A 480 16.52 31.53 -23.58
C ILE A 480 17.03 30.24 -22.95
N GLY A 481 16.19 29.21 -22.89
CA GLY A 481 16.60 27.88 -22.42
C GLY A 481 16.56 26.78 -23.47
N ARG A 482 16.73 27.14 -24.75
CA ARG A 482 16.76 26.13 -25.82
C ARG A 482 18.00 25.23 -25.74
N ASP A 483 19.05 25.76 -25.11
CA ASP A 483 20.27 24.99 -24.83
C ASP A 483 20.09 23.85 -23.83
N GLN A 484 18.90 23.71 -23.22
CA GLN A 484 18.64 22.61 -22.27
C GLN A 484 17.30 21.93 -22.53
N SER A 485 17.19 20.66 -22.12
CA SER A 485 16.07 19.80 -22.51
C SER A 485 14.77 20.19 -21.84
N GLN A 486 13.66 19.71 -22.36
CA GLN A 486 12.37 19.99 -21.72
C GLN A 486 12.26 19.27 -20.37
N GLU A 487 13.01 18.17 -20.21
CA GLU A 487 13.09 17.47 -18.94
C GLU A 487 13.77 18.33 -17.87
N HIS A 488 14.83 19.01 -18.26
CA HIS A 488 15.55 19.90 -17.34
C HIS A 488 14.64 20.99 -16.80
N TRP A 489 13.86 21.62 -17.67
CA TRP A 489 12.98 22.70 -17.26
C TRP A 489 11.74 22.22 -16.48
N VAL A 490 11.26 21.02 -16.76
CA VAL A 490 10.16 20.48 -15.98
C VAL A 490 10.64 20.29 -14.52
N SER A 491 11.82 19.72 -14.35
CA SER A 491 12.42 19.54 -13.04
C SER A 491 12.67 20.87 -12.31
N VAL A 492 13.16 21.87 -13.03
CA VAL A 492 13.42 23.19 -12.42
C VAL A 492 12.11 23.73 -11.88
N ILE A 493 11.05 23.60 -12.67
CA ILE A 493 9.77 24.20 -12.33
C ILE A 493 9.06 23.42 -11.24
N ARG A 494 9.12 22.09 -11.34
CA ARG A 494 8.64 21.23 -10.27
C ARG A 494 9.28 21.60 -8.94
N GLN A 495 10.60 21.82 -8.97
CA GLN A 495 11.33 22.21 -7.79
C GLN A 495 10.88 23.57 -7.22
N LEU A 496 10.64 24.55 -8.09
CA LEU A 496 10.19 25.88 -7.64
C LEU A 496 8.78 25.82 -7.06
N ILE A 497 7.94 24.92 -7.57
CA ILE A 497 6.62 24.66 -6.96
C ILE A 497 6.75 24.07 -5.54
N HIS A 498 7.68 23.15 -5.39
CA HIS A 498 7.89 22.49 -4.13
C HIS A 498 8.43 23.48 -3.11
N LEU A 499 9.38 24.30 -3.53
CA LEU A 499 9.91 25.38 -2.70
C LEU A 499 8.89 26.45 -2.30
N GLY A 500 7.77 26.52 -3.01
CA GLY A 500 6.71 27.48 -2.71
C GLY A 500 6.84 28.79 -3.49
N VAL A 501 7.77 28.82 -4.44
CA VAL A 501 8.02 29.98 -5.29
C VAL A 501 6.96 30.10 -6.39
N VAL A 502 6.55 28.97 -6.94
CA VAL A 502 5.55 28.91 -8.01
C VAL A 502 4.37 28.07 -7.55
N THR A 503 3.16 28.45 -7.93
CA THR A 503 1.99 27.60 -7.70
C THR A 503 1.46 27.09 -9.02
N GLN A 504 0.66 26.04 -8.91
CA GLN A 504 0.06 25.36 -10.02
C GLN A 504 -1.35 25.05 -9.53
N ASN A 505 -2.11 26.11 -9.23
CA ASN A 505 -3.48 25.96 -8.76
C ASN A 505 -4.41 25.44 -9.85
N ILE A 506 -5.05 24.30 -9.56
CA ILE A 506 -6.06 23.70 -10.43
C ILE A 506 -7.23 24.67 -10.60
N ALA A 507 -7.42 25.56 -9.61
CA ALA A 507 -8.39 26.64 -9.66
C ALA A 507 -8.46 27.29 -11.04
N GLN A 508 -7.33 27.78 -11.54
CA GLN A 508 -7.27 28.28 -12.92
C GLN A 508 -6.52 27.29 -13.80
N HIS A 509 -7.09 26.10 -13.94
CA HIS A 509 -6.64 25.09 -14.89
C HIS A 509 -5.14 24.87 -14.85
N SER A 510 -4.61 24.76 -13.62
CA SER A 510 -3.19 24.47 -13.38
C SER A 510 -2.24 25.48 -14.04
N ALA A 511 -2.63 26.74 -14.05
CA ALA A 511 -1.77 27.81 -14.52
C ALA A 511 -0.62 28.04 -13.53
N LEU A 512 0.56 28.29 -14.06
CA LEU A 512 1.70 28.60 -13.21
C LEU A 512 1.65 30.05 -12.75
N GLN A 513 1.43 30.26 -11.46
CA GLN A 513 1.42 31.59 -10.86
C GLN A 513 2.61 31.75 -9.92
N LEU A 514 3.07 32.98 -9.74
CA LEU A 514 4.16 33.28 -8.85
C LEU A 514 3.66 33.68 -7.47
N THR A 515 4.46 33.38 -6.44
CA THR A 515 4.13 33.74 -5.06
C THR A 515 5.06 34.85 -4.59
N GLU A 516 4.84 35.30 -3.36
CA GLU A 516 5.68 36.31 -2.72
C GLU A 516 7.17 35.99 -2.77
N ALA A 517 7.52 34.71 -2.64
CA ALA A 517 8.93 34.32 -2.60
C ALA A 517 9.63 34.39 -3.94
N ALA A 518 8.88 34.62 -5.04
CA ALA A 518 9.46 34.70 -6.39
C ALA A 518 10.40 35.89 -6.58
N ARG A 519 10.01 37.03 -5.99
CA ARG A 519 10.68 38.31 -6.23
C ARG A 519 12.20 38.26 -6.07
N PRO A 520 12.70 37.95 -4.87
CA PRO A 520 14.16 38.01 -4.67
C PRO A 520 14.97 37.15 -5.64
N PHE A 521 14.40 36.02 -6.09
CA PHE A 521 15.08 35.14 -7.05
C PHE A 521 14.99 35.73 -8.45
N LEU A 522 13.85 36.33 -8.75
CA LEU A 522 13.64 36.92 -10.07
C LEU A 522 14.59 38.08 -10.31
N ARG A 523 14.82 38.92 -9.30
CA ARG A 523 15.87 39.95 -9.35
C ARG A 523 17.23 39.32 -9.06
N GLY A 524 17.22 38.31 -8.20
CA GLY A 524 18.36 37.41 -8.07
C GLY A 524 19.54 37.89 -7.28
N GLU A 525 19.31 38.29 -6.03
CA GLU A 525 20.41 38.39 -5.06
C GLU A 525 20.29 37.33 -3.96
N ALA A 526 19.12 36.69 -3.86
CA ALA A 526 18.95 35.53 -2.99
C ALA A 526 19.51 34.28 -3.69
N PRO A 527 20.53 33.63 -3.08
CA PRO A 527 21.13 32.45 -3.70
C PRO A 527 20.23 31.20 -3.67
N LEU A 528 20.54 30.22 -4.51
CA LEU A 528 19.67 29.06 -4.68
C LEU A 528 20.38 27.83 -5.25
N MET A 529 20.37 26.75 -4.48
CA MET A 529 20.79 25.44 -4.97
C MET A 529 19.57 24.68 -5.49
N LEU A 530 19.74 24.00 -6.62
CA LEU A 530 18.75 23.03 -7.08
C LEU A 530 19.41 21.67 -7.21
N ALA A 531 18.60 20.65 -7.45
CA ALA A 531 19.08 19.29 -7.58
C ALA A 531 18.94 18.81 -9.02
N VAL A 532 19.93 18.04 -9.48
CA VAL A 532 19.85 17.39 -10.79
C VAL A 532 18.75 16.32 -10.71
N PRO A 533 18.00 16.11 -11.82
CA PRO A 533 16.86 15.18 -11.74
C PRO A 533 17.22 13.70 -11.71
N ARG A 534 16.34 12.93 -11.07
CA ARG A 534 16.51 11.49 -10.88
C ARG A 534 16.03 10.71 -12.11
#